data_6VZZ
#
_entry.id   6VZZ
#
_cell.length_a   157.300
_cell.length_b   157.300
_cell.length_c   157.300
_cell.angle_alpha   90.000
_cell.angle_beta   90.000
_cell.angle_gamma   90.000
#
_symmetry.space_group_name_H-M   'P 41 3 2'
#
loop_
_entity.id
_entity.type
_entity.pdbx_description
1 polymer BamaA.19900.a
2 non-polymer beta-D-glucopyranose
3 non-polymer 'CALCIUM ION'
4 non-polymer 1,2-ETHANEDIOL
5 water water
#
_entity_poly.entity_id   1
_entity_poly.type   'polypeptide(L)'
_entity_poly.pdbx_seq_one_letter_code
;MRGSHHHHHHGSELSQEVTQTLKQWRVAAVSSAGLKYYVGVDIGGTNTRLALARAEDHDTFLQVLKVKADDTRKLIAFFD
SVSDSIRDLLGVEASGACLAGAGRISPDGEVLDVTNFHGDATHRRLKRSELPSFLFPPTKTHFINDLEGTCYGVSSMNAS
DALDQCFKPLWGPASSDKVTLQPDHYLVLAVGTGLGIATLLSLRRSPVRGGFQVMPMEFGHVAISPVGPANAAYAEETRL
LEYISEKLYNKEHAIEYEDIVSGRGLVITYKWVLDEANVQDESLRSLDAGKIAKNATNSEACPYAHKAMMLHFKFLMRIA
KNLCIGLQVRGMLLAGDNQVNNNLFLEQNLESLRAEFFDHPKKAWIEDIDLFTQTKPVNLNLHGALYVARG
;
_entity_poly.pdbx_strand_id   A
#
# COMPACT_ATOMS: atom_id res chain seq x y z
N GLU A 13 -6.97 26.45 -0.31
CA GLU A 13 -5.83 26.92 -1.08
C GLU A 13 -5.22 25.82 -1.96
N LEU A 14 -5.40 25.95 -3.28
CA LEU A 14 -4.84 25.02 -4.25
C LEU A 14 -3.60 25.61 -4.90
N SER A 15 -2.78 24.74 -5.48
CA SER A 15 -1.51 25.17 -6.04
C SER A 15 -1.70 25.88 -7.39
N GLN A 16 -0.62 26.50 -7.87
CA GLN A 16 -0.66 27.18 -9.16
C GLN A 16 -0.91 26.19 -10.30
N GLU A 17 -0.20 25.05 -10.29
CA GLU A 17 -0.31 24.09 -11.38
C GLU A 17 -1.72 23.53 -11.47
N VAL A 18 -2.32 23.22 -10.33
CA VAL A 18 -3.70 22.71 -10.31
C VAL A 18 -4.67 23.80 -10.75
N THR A 19 -4.52 25.00 -10.21
CA THR A 19 -5.39 26.11 -10.60
C THR A 19 -5.34 26.35 -12.11
N GLN A 20 -4.13 26.45 -12.68
CA GLN A 20 -4.02 26.68 -14.11
C GLN A 20 -4.63 25.53 -14.90
N THR A 21 -4.45 24.29 -14.43
CA THR A 21 -4.96 23.13 -15.16
C THR A 21 -6.49 23.10 -15.20
N LEU A 22 -7.13 23.34 -14.05
CA LEU A 22 -8.59 23.30 -14.03
C LEU A 22 -9.20 24.41 -14.88
N LYS A 23 -8.50 25.54 -15.04
CA LYS A 23 -8.99 26.56 -15.96
C LYS A 23 -9.00 26.04 -17.39
N GLN A 24 -7.97 25.29 -17.77
CA GLN A 24 -7.95 24.71 -19.11
C GLN A 24 -9.07 23.68 -19.28
N TRP A 25 -9.37 22.92 -18.23
CA TRP A 25 -10.36 21.86 -18.35
C TRP A 25 -11.76 22.40 -18.61
N ARG A 26 -12.14 23.47 -17.92
CA ARG A 26 -13.53 23.87 -17.84
C ARG A 26 -14.06 24.51 -19.12
N VAL A 27 -13.20 24.86 -20.09
CA VAL A 27 -13.73 25.38 -21.35
C VAL A 27 -14.59 24.31 -22.02
N ALA A 28 -14.31 23.04 -21.76
CA ALA A 28 -15.05 21.95 -22.39
C ALA A 28 -16.47 21.82 -21.87
N ALA A 29 -16.82 22.48 -20.77
CA ALA A 29 -18.18 22.42 -20.26
C ALA A 29 -19.19 23.05 -21.22
N VAL A 30 -18.76 23.97 -22.08
CA VAL A 30 -19.68 24.59 -23.01
C VAL A 30 -19.50 24.00 -24.40
N SER A 31 -18.96 22.79 -24.46
CA SER A 31 -18.79 22.04 -25.70
C SER A 31 -19.81 20.91 -25.75
N SER A 32 -19.89 20.27 -26.93
CA SER A 32 -20.88 19.22 -27.12
C SER A 32 -20.65 18.07 -26.15
N ALA A 33 -19.39 17.70 -25.93
CA ALA A 33 -19.12 16.57 -25.05
C ALA A 33 -19.28 16.92 -23.58
N GLY A 34 -19.33 18.21 -23.26
CA GLY A 34 -19.36 18.61 -21.87
C GLY A 34 -18.04 18.28 -21.18
N LEU A 35 -18.04 18.48 -19.87
CA LEU A 35 -16.88 18.20 -19.03
C LEU A 35 -17.24 17.05 -18.09
N LYS A 36 -16.87 15.85 -18.47
CA LYS A 36 -17.07 14.67 -17.64
C LYS A 36 -15.73 14.31 -17.03
N TYR A 37 -15.63 14.42 -15.70
CA TYR A 37 -14.42 14.08 -14.96
C TYR A 37 -14.76 13.26 -13.74
N TYR A 38 -13.73 12.61 -13.17
CA TYR A 38 -13.93 11.63 -12.12
C TYR A 38 -12.97 11.88 -10.97
N VAL A 39 -13.41 11.51 -9.76
CA VAL A 39 -12.67 11.72 -8.52
C VAL A 39 -12.08 10.40 -8.06
N GLY A 40 -10.82 10.42 -7.66
CA GLY A 40 -10.18 9.27 -7.05
C GLY A 40 -9.52 9.67 -5.75
N VAL A 41 -9.63 8.79 -4.75
CA VAL A 41 -9.11 9.08 -3.42
C VAL A 41 -8.33 7.86 -2.92
N ASP A 42 -7.14 8.13 -2.36
CA ASP A 42 -6.31 7.13 -1.70
C ASP A 42 -6.28 7.48 -0.22
N ILE A 43 -7.07 6.78 0.58
CA ILE A 43 -7.13 7.01 2.02
C ILE A 43 -6.17 6.02 2.67
N GLY A 44 -4.97 6.50 3.03
CA GLY A 44 -4.03 5.69 3.76
C GLY A 44 -4.17 5.83 5.26
N GLY A 45 -3.42 5.02 5.99
CA GLY A 45 -3.48 5.07 7.44
C GLY A 45 -2.89 6.34 8.03
N THR A 46 -2.04 7.04 7.26
CA THR A 46 -1.43 8.28 7.69
C THR A 46 -1.78 9.46 6.79
N ASN A 47 -1.86 9.24 5.47
CA ASN A 47 -2.08 10.31 4.50
C ASN A 47 -3.19 9.95 3.54
N THR A 48 -3.91 10.98 3.10
CA THR A 48 -4.95 10.87 2.11
C THR A 48 -4.62 11.75 0.92
N ARG A 49 -4.80 11.22 -0.27
CA ARG A 49 -4.58 11.94 -1.51
C ARG A 49 -5.85 11.92 -2.34
N LEU A 50 -6.08 13.00 -3.09
CA LEU A 50 -7.25 13.12 -3.93
C LEU A 50 -6.81 13.56 -5.31
N ALA A 51 -7.44 13.00 -6.34
CA ALA A 51 -7.06 13.30 -7.71
C ALA A 51 -8.29 13.34 -8.59
N LEU A 52 -8.15 14.02 -9.71
CA LEU A 52 -9.18 14.10 -10.74
C LEU A 52 -8.62 13.61 -12.07
N ALA A 53 -9.49 13.05 -12.89
CA ALA A 53 -9.14 12.70 -14.26
C ALA A 53 -10.37 12.86 -15.13
N ARG A 54 -10.17 13.42 -16.33
CA ARG A 54 -11.28 13.56 -17.25
C ARG A 54 -11.56 12.21 -17.92
N ALA A 55 -12.68 12.16 -18.64
CA ALA A 55 -13.08 10.93 -19.33
C ALA A 55 -11.99 10.45 -20.29
N GLU A 56 -11.28 11.37 -20.94
CA GLU A 56 -10.30 11.01 -21.96
C GLU A 56 -8.88 10.84 -21.42
N ASP A 57 -8.60 11.30 -20.20
CA ASP A 57 -7.32 11.03 -19.55
C ASP A 57 -7.30 9.56 -19.11
N HIS A 58 -6.65 8.71 -19.89
CA HIS A 58 -6.75 7.28 -19.61
C HIS A 58 -5.62 6.74 -18.76
N ASP A 59 -4.44 7.35 -18.81
CA ASP A 59 -3.30 6.88 -18.03
C ASP A 59 -2.68 7.97 -17.17
N THR A 60 -3.36 9.11 -17.02
CA THR A 60 -2.81 10.24 -16.30
C THR A 60 -3.89 10.80 -15.39
N PHE A 61 -3.50 11.64 -14.43
CA PHE A 61 -4.47 12.32 -13.59
C PHE A 61 -3.81 13.54 -12.95
N LEU A 62 -4.65 14.33 -12.28
CA LEU A 62 -4.24 15.57 -11.64
C LEU A 62 -4.42 15.40 -10.12
N GLN A 63 -3.32 15.39 -9.38
CA GLN A 63 -3.43 15.35 -7.92
C GLN A 63 -3.73 16.75 -7.43
N VAL A 64 -4.85 16.94 -6.73
CA VAL A 64 -5.21 18.28 -6.31
C VAL A 64 -4.88 18.50 -4.84
N LEU A 65 -4.94 17.47 -4.00
CA LEU A 65 -4.61 17.71 -2.60
C LEU A 65 -4.22 16.43 -1.89
N LYS A 66 -3.29 16.57 -0.96
CA LYS A 66 -2.93 15.53 -0.01
C LYS A 66 -2.90 16.13 1.38
N VAL A 67 -3.14 15.29 2.38
CA VAL A 67 -3.29 15.77 3.75
C VAL A 67 -2.88 14.64 4.70
N LYS A 68 -2.36 15.01 5.87
CA LYS A 68 -2.05 14.06 6.92
C LYS A 68 -3.27 13.94 7.83
N ALA A 69 -3.90 12.77 7.84
CA ALA A 69 -5.16 12.58 8.55
C ALA A 69 -5.18 11.18 9.15
N ASP A 70 -5.54 11.10 10.44
CA ASP A 70 -5.64 9.81 11.11
C ASP A 70 -6.99 9.61 11.78
N ASP A 71 -8.01 10.36 11.36
CA ASP A 71 -9.39 10.03 11.74
C ASP A 71 -10.32 10.55 10.64
N THR A 72 -11.52 9.98 10.60
CA THR A 72 -12.43 10.27 9.49
C THR A 72 -13.08 11.64 9.62
N ARG A 73 -13.22 12.18 10.83
CA ARG A 73 -13.77 13.52 10.97
C ARG A 73 -12.86 14.56 10.33
N LYS A 74 -11.53 14.38 10.46
CA LYS A 74 -10.60 15.26 9.76
C LYS A 74 -10.65 15.08 8.26
N LEU A 75 -10.93 13.86 7.78
CA LEU A 75 -11.13 13.65 6.35
C LEU A 75 -12.34 14.42 5.83
N ILE A 76 -13.46 14.34 6.56
CA ILE A 76 -14.67 15.04 6.13
C ILE A 76 -14.39 16.53 5.97
N ALA A 77 -13.65 17.12 6.91
CA ALA A 77 -13.31 18.54 6.77
C ALA A 77 -12.39 18.77 5.57
N PHE A 78 -11.47 17.84 5.31
CA PHE A 78 -10.62 17.95 4.12
C PHE A 78 -11.45 17.83 2.85
N PHE A 79 -12.38 16.87 2.80
CA PHE A 79 -13.18 16.66 1.60
C PHE A 79 -14.09 17.87 1.35
N ASP A 80 -14.84 18.30 2.36
CA ASP A 80 -15.65 19.51 2.23
C ASP A 80 -14.82 20.67 1.70
N SER A 81 -13.65 20.90 2.28
CA SER A 81 -12.83 22.03 1.87
C SER A 81 -12.39 21.91 0.42
N VAL A 82 -11.77 20.79 0.06
CA VAL A 82 -11.26 20.66 -1.29
C VAL A 82 -12.39 20.54 -2.30
N SER A 83 -13.57 20.06 -1.87
CA SER A 83 -14.72 20.03 -2.77
C SER A 83 -15.15 21.44 -3.14
N ASP A 84 -15.33 22.31 -2.15
CA ASP A 84 -15.69 23.68 -2.43
C ASP A 84 -14.63 24.38 -3.30
N SER A 85 -13.36 24.05 -3.11
CA SER A 85 -12.29 24.68 -3.89
C SER A 85 -12.37 24.29 -5.36
N ILE A 86 -12.55 22.99 -5.64
CA ILE A 86 -12.69 22.54 -7.02
C ILE A 86 -13.98 23.07 -7.63
N ARG A 87 -15.04 23.17 -6.84
CA ARG A 87 -16.29 23.71 -7.34
C ARG A 87 -16.13 25.14 -7.81
N ASP A 88 -15.38 25.95 -7.06
CA ASP A 88 -15.17 27.34 -7.46
C ASP A 88 -14.33 27.47 -8.71
N LEU A 89 -13.60 26.43 -9.09
CA LEU A 89 -12.76 26.47 -10.29
C LEU A 89 -13.37 25.74 -11.48
N LEU A 90 -14.21 24.73 -11.25
CA LEU A 90 -14.80 23.97 -12.34
C LEU A 90 -16.29 24.22 -12.53
N GLY A 91 -17.01 24.56 -11.47
CA GLY A 91 -18.44 24.71 -11.60
C GLY A 91 -19.21 23.40 -11.73
N VAL A 92 -18.79 22.52 -12.64
CA VAL A 92 -19.54 21.33 -12.99
C VAL A 92 -19.19 20.18 -12.03
N GLU A 93 -20.23 19.50 -11.53
CA GLU A 93 -20.09 18.36 -10.65
C GLU A 93 -19.26 17.24 -11.29
N ALA A 94 -18.66 16.44 -10.42
CA ALA A 94 -17.97 15.21 -10.84
C ALA A 94 -18.99 14.16 -11.27
N SER A 95 -18.60 13.37 -12.27
CA SER A 95 -19.50 12.36 -12.82
C SER A 95 -19.35 10.99 -12.16
N GLY A 96 -18.39 10.82 -11.28
CA GLY A 96 -18.15 9.56 -10.63
C GLY A 96 -17.00 9.65 -9.65
N ALA A 97 -16.99 8.80 -8.62
CA ALA A 97 -15.94 8.87 -7.62
C ALA A 97 -15.68 7.47 -7.07
N CYS A 98 -14.44 7.24 -6.69
CA CYS A 98 -14.06 6.01 -6.00
C CYS A 98 -13.02 6.34 -4.95
N LEU A 99 -13.25 5.85 -3.72
CA LEU A 99 -12.33 6.03 -2.62
C LEU A 99 -11.70 4.68 -2.27
N ALA A 100 -10.39 4.58 -2.43
CA ALA A 100 -9.64 3.38 -2.06
C ALA A 100 -9.04 3.62 -0.68
N GLY A 101 -9.57 2.93 0.32
CA GLY A 101 -9.17 3.18 1.69
C GLY A 101 -8.50 2.01 2.37
N ALA A 102 -7.69 2.31 3.39
CA ALA A 102 -6.87 1.30 4.05
C ALA A 102 -7.68 0.61 5.15
N GLY A 103 -8.70 -0.12 4.72
CA GLY A 103 -9.47 -0.90 5.66
C GLY A 103 -10.55 -1.68 4.96
N ARG A 104 -11.56 -2.08 5.73
CA ARG A 104 -12.63 -2.96 5.29
C ARG A 104 -13.84 -2.14 4.90
N ILE A 105 -14.67 -2.72 4.04
CA ILE A 105 -15.86 -2.07 3.53
C ILE A 105 -17.07 -2.94 3.80
N SER A 106 -18.15 -2.33 4.27
CA SER A 106 -19.32 -3.08 4.68
C SER A 106 -19.95 -3.79 3.48
N PRO A 107 -20.66 -4.89 3.73
CA PRO A 107 -21.38 -5.58 2.64
C PRO A 107 -22.19 -4.68 1.72
N ASP A 108 -22.78 -3.60 2.22
CA ASP A 108 -23.58 -2.72 1.37
C ASP A 108 -22.76 -1.62 0.70
N GLY A 109 -21.44 -1.60 0.90
CA GLY A 109 -20.59 -0.63 0.25
C GLY A 109 -20.73 0.79 0.75
N GLU A 110 -21.47 1.00 1.83
CA GLU A 110 -21.78 2.33 2.34
C GLU A 110 -20.72 2.88 3.30
N VAL A 111 -19.97 2.01 3.98
CA VAL A 111 -19.13 2.40 5.10
C VAL A 111 -17.72 1.86 4.92
N LEU A 112 -16.72 2.72 5.13
CA LEU A 112 -15.32 2.33 5.21
C LEU A 112 -14.87 2.38 6.66
N ASP A 113 -14.08 1.38 7.07
CA ASP A 113 -13.53 1.27 8.43
C ASP A 113 -12.01 1.30 8.26
N VAL A 114 -11.38 2.42 8.60
CA VAL A 114 -9.94 2.56 8.37
C VAL A 114 -9.21 1.89 9.54
N THR A 115 -8.51 0.80 9.25
CA THR A 115 -8.06 -0.10 10.31
C THR A 115 -7.17 0.62 11.31
N ASN A 116 -6.30 1.51 10.85
CA ASN A 116 -5.25 2.08 11.70
C ASN A 116 -5.49 3.54 12.04
N PHE A 117 -6.70 4.05 11.82
CA PHE A 117 -7.07 5.33 12.39
C PHE A 117 -7.29 5.19 13.89
N HIS A 118 -7.18 6.33 14.58
CA HIS A 118 -7.17 6.37 16.03
C HIS A 118 -8.48 6.94 16.55
N GLY A 119 -8.97 6.36 17.64
CA GLY A 119 -10.19 6.86 18.27
C GLY A 119 -11.31 5.85 18.29
N ASP A 120 -12.52 6.34 18.58
CA ASP A 120 -13.69 5.48 18.63
C ASP A 120 -14.17 5.16 17.22
N ALA A 121 -15.27 4.41 17.13
CA ALA A 121 -15.74 3.91 15.85
C ALA A 121 -16.08 5.03 14.88
N THR A 122 -16.64 6.13 15.40
CA THR A 122 -16.98 7.25 14.53
C THR A 122 -15.73 7.82 13.85
N HIS A 123 -14.60 7.83 14.56
CA HIS A 123 -13.39 8.43 14.02
C HIS A 123 -12.61 7.46 13.15
N ARG A 124 -13.01 6.19 13.09
CA ARG A 124 -12.39 5.23 12.20
C ARG A 124 -13.26 4.87 11.01
N ARG A 125 -14.55 5.21 11.04
CA ARG A 125 -15.49 4.84 9.99
C ARG A 125 -15.91 6.07 9.19
N LEU A 126 -16.11 5.86 7.89
CA LEU A 126 -16.49 6.93 6.96
C LEU A 126 -17.61 6.43 6.08
N LYS A 127 -18.77 7.10 6.15
CA LYS A 127 -19.94 6.77 5.35
C LYS A 127 -19.94 7.58 4.06
N ARG A 128 -20.39 6.94 2.96
CA ARG A 128 -20.58 7.64 1.70
C ARG A 128 -21.42 8.91 1.88
N SER A 129 -22.55 8.77 2.57
CA SER A 129 -23.52 9.85 2.74
C SER A 129 -22.95 11.06 3.47
N GLU A 130 -21.75 10.97 4.05
CA GLU A 130 -21.11 12.10 4.71
C GLU A 130 -20.25 12.92 3.77
N LEU A 131 -20.04 12.46 2.57
CA LEU A 131 -19.18 13.02 1.55
C LEU A 131 -19.92 14.11 0.78
N PRO A 132 -19.20 15.17 0.38
CA PRO A 132 -19.86 16.25 -0.38
C PRO A 132 -20.31 15.77 -1.75
N SER A 133 -21.57 16.05 -2.08
CA SER A 133 -22.16 15.64 -3.35
C SER A 133 -21.34 16.11 -4.56
N PHE A 134 -20.73 17.29 -4.50
CA PHE A 134 -20.03 17.82 -5.67
C PHE A 134 -18.97 16.85 -6.17
N LEU A 135 -18.14 16.32 -5.28
CA LEU A 135 -17.09 15.41 -5.72
C LEU A 135 -17.52 13.96 -5.64
N PHE A 136 -18.58 13.65 -4.91
CA PHE A 136 -18.97 12.27 -4.63
C PHE A 136 -20.45 12.12 -4.93
N PRO A 137 -20.80 11.98 -6.22
CA PRO A 137 -22.21 11.83 -6.59
C PRO A 137 -22.85 10.66 -5.87
N PRO A 138 -23.99 10.87 -5.22
CA PRO A 138 -24.55 9.85 -4.32
C PRO A 138 -24.76 8.48 -4.95
N THR A 139 -25.21 8.42 -6.20
CA THR A 139 -25.44 7.13 -6.82
C THR A 139 -24.23 6.60 -7.59
N LYS A 140 -23.13 7.36 -7.66
CA LYS A 140 -21.99 7.00 -8.49
C LYS A 140 -20.68 7.13 -7.71
N THR A 141 -20.70 6.73 -6.43
CA THR A 141 -19.53 6.77 -5.55
C THR A 141 -19.31 5.39 -4.94
N HIS A 142 -18.09 4.88 -5.02
CA HIS A 142 -17.81 3.52 -4.57
C HIS A 142 -16.60 3.49 -3.66
N PHE A 143 -16.66 2.61 -2.66
CA PHE A 143 -15.53 2.30 -1.80
C PHE A 143 -14.86 1.03 -2.28
N ILE A 144 -13.53 1.07 -2.40
CA ILE A 144 -12.74 -0.15 -2.54
C ILE A 144 -11.62 -0.09 -1.51
N ASN A 145 -11.03 -1.25 -1.25
CA ASN A 145 -9.84 -1.30 -0.41
C ASN A 145 -8.65 -0.74 -1.17
N ASP A 146 -7.67 -0.20 -0.42
CA ASP A 146 -6.55 0.45 -1.08
C ASP A 146 -5.73 -0.53 -1.91
N LEU A 147 -5.44 -1.73 -1.38
CA LEU A 147 -4.71 -2.70 -2.18
C LEU A 147 -5.56 -3.24 -3.33
N GLU A 148 -6.87 -3.36 -3.11
CA GLU A 148 -7.77 -3.61 -4.23
C GLU A 148 -7.63 -2.54 -5.29
N GLY A 149 -7.45 -1.27 -4.89
CA GLY A 149 -7.18 -0.23 -5.86
C GLY A 149 -5.84 -0.40 -6.55
N THR A 150 -4.83 -0.84 -5.81
CA THR A 150 -3.52 -1.11 -6.40
C THR A 150 -3.64 -2.11 -7.53
N CYS A 151 -4.38 -3.19 -7.30
CA CYS A 151 -4.51 -4.22 -8.32
C CYS A 151 -5.16 -3.67 -9.58
N TYR A 152 -6.23 -2.87 -9.44
CA TYR A 152 -6.83 -2.28 -10.64
C TYR A 152 -5.84 -1.39 -11.37
N GLY A 153 -5.02 -0.66 -10.61
CA GLY A 153 -3.96 0.12 -11.24
C GLY A 153 -2.98 -0.76 -11.99
N VAL A 154 -2.53 -1.84 -11.33
CA VAL A 154 -1.59 -2.77 -11.97
C VAL A 154 -2.23 -3.37 -13.22
N SER A 155 -3.46 -3.88 -13.08
CA SER A 155 -4.14 -4.50 -14.22
C SER A 155 -4.30 -3.52 -15.36
N SER A 156 -4.65 -2.27 -15.03
CA SER A 156 -4.78 -1.24 -16.04
C SER A 156 -3.46 -1.02 -16.78
N MET A 157 -2.35 -0.97 -16.05
CA MET A 157 -1.06 -0.73 -16.69
C MET A 157 -0.58 -1.95 -17.45
N ASN A 158 -0.93 -3.16 -16.97
CA ASN A 158 -0.58 -4.35 -17.71
C ASN A 158 -1.34 -4.39 -19.04
N ALA A 159 -2.58 -3.91 -19.05
CA ALA A 159 -3.38 -3.94 -20.27
C ALA A 159 -2.83 -3.02 -21.35
N SER A 160 -2.22 -1.90 -20.97
CA SER A 160 -1.59 -0.99 -21.95
C SER A 160 -0.09 -1.21 -22.04
N ASP A 161 0.40 -2.38 -21.59
CA ASP A 161 1.80 -2.78 -21.76
C ASP A 161 2.76 -1.74 -21.19
N ALA A 162 2.45 -1.26 -19.98
CA ALA A 162 3.19 -0.17 -19.36
C ALA A 162 3.76 -0.50 -17.99
N LEU A 163 3.60 -1.74 -17.51
CA LEU A 163 4.12 -2.07 -16.18
C LEU A 163 5.62 -1.90 -16.10
N ASP A 164 6.33 -2.06 -17.22
CA ASP A 164 7.78 -1.94 -17.20
C ASP A 164 8.25 -0.53 -16.95
N GLN A 165 7.34 0.45 -16.97
CA GLN A 165 7.68 1.82 -16.65
C GLN A 165 7.84 2.07 -15.15
N CYS A 166 7.35 1.17 -14.30
CA CYS A 166 7.52 1.37 -12.87
C CYS A 166 7.74 0.10 -12.08
N PHE A 167 7.87 -1.07 -12.72
CA PHE A 167 8.23 -2.30 -12.03
C PHE A 167 9.47 -2.91 -12.66
N LYS A 168 10.24 -3.63 -11.85
CA LYS A 168 11.46 -4.30 -12.28
C LYS A 168 11.50 -5.69 -11.66
N PRO A 169 11.96 -6.70 -12.40
CA PRO A 169 12.10 -8.03 -11.80
C PRO A 169 13.27 -8.07 -10.82
N LEU A 170 13.04 -8.74 -9.70
CA LEU A 170 14.12 -9.05 -8.78
C LEU A 170 14.59 -10.50 -8.91
N TRP A 171 13.69 -11.42 -9.24
CA TRP A 171 14.09 -12.80 -9.54
C TRP A 171 12.90 -13.53 -10.16
N GLY A 172 13.20 -14.73 -10.68
CA GLY A 172 12.18 -15.56 -11.29
C GLY A 172 12.47 -15.87 -12.75
N PRO A 173 11.68 -16.78 -13.32
CA PRO A 173 11.96 -17.23 -14.71
C PRO A 173 11.66 -16.18 -15.77
N ALA A 174 10.99 -15.09 -15.41
CA ALA A 174 10.65 -14.03 -16.35
C ALA A 174 11.49 -12.78 -16.12
N SER A 175 12.60 -12.90 -15.38
CA SER A 175 13.32 -11.72 -14.93
C SER A 175 14.23 -11.12 -15.98
N SER A 176 14.50 -11.81 -17.08
CA SER A 176 15.18 -11.19 -18.21
C SER A 176 14.21 -10.49 -19.17
N ASP A 177 12.91 -10.71 -19.01
CA ASP A 177 11.87 -10.17 -19.89
C ASP A 177 11.33 -8.85 -19.35
N LYS A 178 10.75 -8.06 -20.25
CA LYS A 178 10.08 -6.85 -19.84
C LYS A 178 8.86 -7.21 -19.00
N VAL A 179 8.57 -6.40 -17.97
CA VAL A 179 7.56 -6.77 -17.00
C VAL A 179 6.19 -6.78 -17.67
N THR A 180 5.52 -7.94 -17.61
CA THR A 180 4.18 -8.14 -18.13
C THR A 180 3.58 -9.29 -17.33
N LEU A 181 2.27 -9.27 -17.15
CA LEU A 181 1.61 -10.27 -16.30
C LEU A 181 0.95 -11.33 -17.17
N GLN A 182 1.20 -12.59 -16.84
CA GLN A 182 0.62 -13.71 -17.56
C GLN A 182 -0.80 -13.97 -17.04
N PRO A 183 -1.57 -14.82 -17.71
CA PRO A 183 -2.91 -15.11 -17.16
C PRO A 183 -2.88 -16.18 -16.09
N ASP A 184 -2.26 -15.82 -14.96
CA ASP A 184 -2.22 -16.64 -13.76
C ASP A 184 -2.50 -15.71 -12.59
N HIS A 185 -2.36 -16.20 -11.36
CA HIS A 185 -2.58 -15.33 -10.21
C HIS A 185 -1.30 -14.61 -9.84
N TYR A 186 -1.45 -13.40 -9.33
CA TYR A 186 -0.32 -12.63 -8.83
C TYR A 186 -0.69 -12.04 -7.48
N LEU A 187 0.23 -12.18 -6.52
CA LEU A 187 0.08 -11.59 -5.20
C LEU A 187 0.66 -10.18 -5.21
N VAL A 188 -0.08 -9.23 -4.65
CA VAL A 188 0.39 -7.85 -4.51
C VAL A 188 0.49 -7.51 -3.03
N LEU A 189 1.65 -6.98 -2.62
CA LEU A 189 1.92 -6.57 -1.25
C LEU A 189 2.42 -5.13 -1.24
N ALA A 190 2.04 -4.37 -0.21
CA ALA A 190 2.55 -3.02 -0.04
C ALA A 190 2.80 -2.77 1.44
N VAL A 191 4.02 -2.31 1.75
CA VAL A 191 4.43 -2.03 3.12
C VAL A 191 4.39 -0.52 3.31
N GLY A 192 3.57 -0.07 4.27
CA GLY A 192 3.44 1.34 4.59
C GLY A 192 3.02 1.54 6.02
N THR A 193 1.96 2.32 6.25
CA THR A 193 1.40 2.42 7.60
C THR A 193 0.91 1.04 8.05
N GLY A 194 0.37 0.26 7.12
CA GLY A 194 0.01 -1.13 7.39
C GLY A 194 0.62 -2.06 6.37
N LEU A 195 0.33 -3.35 6.54
CA LEU A 195 0.70 -4.37 5.56
C LEU A 195 -0.51 -4.65 4.68
N GLY A 196 -0.45 -4.20 3.42
CA GLY A 196 -1.54 -4.38 2.48
C GLY A 196 -1.28 -5.58 1.58
N ILE A 197 -2.33 -6.36 1.35
CA ILE A 197 -2.23 -7.58 0.55
C ILE A 197 -3.53 -7.78 -0.24
N ALA A 198 -3.39 -7.99 -1.55
CA ALA A 198 -4.49 -8.38 -2.42
C ALA A 198 -3.95 -9.33 -3.48
N THR A 199 -4.85 -9.91 -4.28
CA THR A 199 -4.44 -10.88 -5.30
C THR A 199 -5.13 -10.60 -6.62
N LEU A 200 -4.35 -10.56 -7.69
CA LEU A 200 -4.89 -10.54 -9.05
C LEU A 200 -5.17 -11.99 -9.47
N LEU A 201 -6.43 -12.29 -9.76
CA LEU A 201 -6.88 -13.66 -10.02
C LEU A 201 -7.14 -13.87 -11.50
N SER A 202 -6.77 -15.05 -11.99
CA SER A 202 -7.14 -15.54 -13.32
C SER A 202 -7.85 -16.88 -13.16
N LEU A 203 -9.17 -16.84 -12.92
CA LEU A 203 -9.96 -18.04 -12.79
C LEU A 203 -10.75 -18.29 -14.08
N ARG A 204 -11.79 -19.13 -13.99
CA ARG A 204 -12.65 -19.60 -15.10
C ARG A 204 -11.94 -20.63 -15.96
N GLY A 210 -11.21 -13.81 -19.42
CA GLY A 210 -11.07 -12.51 -20.06
C GLY A 210 -10.88 -11.36 -19.09
N GLY A 211 -9.65 -11.18 -18.61
CA GLY A 211 -9.28 -10.09 -17.72
C GLY A 211 -8.72 -10.60 -16.41
N PHE A 212 -8.41 -9.64 -15.53
CA PHE A 212 -7.99 -9.92 -14.16
C PHE A 212 -9.10 -9.58 -13.19
N GLN A 213 -9.43 -10.51 -12.30
CA GLN A 213 -10.31 -10.22 -11.18
C GLN A 213 -9.47 -9.87 -9.96
N VAL A 214 -9.93 -8.92 -9.18
CA VAL A 214 -9.25 -8.47 -7.98
C VAL A 214 -9.93 -9.09 -6.78
N MET A 215 -9.14 -9.67 -5.89
CA MET A 215 -9.67 -10.11 -4.61
C MET A 215 -9.02 -9.33 -3.48
N PRO A 216 -9.78 -8.54 -2.72
CA PRO A 216 -9.20 -7.84 -1.58
C PRO A 216 -8.97 -8.81 -0.43
N MET A 217 -7.96 -8.51 0.38
CA MET A 217 -7.54 -9.42 1.43
C MET A 217 -7.08 -8.64 2.66
N GLU A 218 -6.99 -9.33 3.80
CA GLU A 218 -6.54 -8.72 5.03
C GLU A 218 -5.41 -9.54 5.67
N PHE A 219 -4.56 -10.15 4.86
CA PHE A 219 -3.57 -11.08 5.38
C PHE A 219 -2.48 -10.40 6.20
N GLY A 220 -2.38 -9.07 6.17
CA GLY A 220 -1.41 -8.43 7.04
C GLY A 220 -1.67 -8.69 8.51
N HIS A 221 -2.90 -9.07 8.86
CA HIS A 221 -3.30 -9.21 10.25
C HIS A 221 -3.29 -10.66 10.73
N VAL A 222 -2.83 -11.62 9.91
CA VAL A 222 -2.73 -13.00 10.38
C VAL A 222 -1.52 -13.14 11.31
N ALA A 223 -1.62 -14.10 12.23
CA ALA A 223 -0.53 -14.38 13.14
C ALA A 223 0.73 -14.81 12.38
N ILE A 224 1.88 -14.44 12.92
CA ILE A 224 3.17 -14.74 12.30
C ILE A 224 3.47 -16.24 12.39
N SER A 225 4.48 -16.68 11.64
CA SER A 225 5.05 -17.99 11.76
C SER A 225 6.48 -17.93 12.30
N PRO A 226 6.91 -18.92 13.05
CA PRO A 226 8.29 -18.95 13.57
C PRO A 226 9.23 -19.51 12.51
N VAL A 227 10.53 -19.54 12.84
CA VAL A 227 11.49 -20.29 12.03
C VAL A 227 11.62 -21.69 12.59
N GLY A 228 12.39 -22.53 11.91
CA GLY A 228 12.74 -23.83 12.42
C GLY A 228 13.59 -23.74 13.67
N PRO A 229 13.38 -24.66 14.62
CA PRO A 229 14.13 -24.62 15.89
C PRO A 229 15.64 -24.66 15.73
N ALA A 230 16.17 -25.20 14.63
CA ALA A 230 17.61 -25.23 14.41
C ALA A 230 18.12 -24.00 13.66
N ASN A 231 17.24 -23.12 13.21
CA ASN A 231 17.66 -21.89 12.57
C ASN A 231 18.46 -21.04 13.55
N ALA A 232 19.52 -20.38 13.05
CA ALA A 232 20.36 -19.58 13.93
C ALA A 232 19.62 -18.38 14.50
N ALA A 233 18.50 -17.99 13.91
CA ALA A 233 17.74 -16.84 14.37
C ALA A 233 16.61 -17.24 15.31
N TYR A 234 16.54 -18.51 15.71
CA TYR A 234 15.37 -19.01 16.43
C TYR A 234 15.24 -18.39 17.81
N ALA A 235 16.35 -18.34 18.56
CA ALA A 235 16.30 -17.78 19.91
C ALA A 235 15.99 -16.29 19.88
N GLU A 236 16.60 -15.56 18.94
CA GLU A 236 16.42 -14.11 18.93
C GLU A 236 15.07 -13.72 18.35
N GLU A 237 14.54 -14.49 17.40
CA GLU A 237 13.19 -14.21 16.90
C GLU A 237 12.16 -14.41 18.00
N THR A 238 12.35 -15.45 18.82
CA THR A 238 11.46 -15.68 19.94
C THR A 238 11.46 -14.49 20.90
N ARG A 239 12.64 -13.92 21.16
CA ARG A 239 12.69 -12.74 22.02
C ARG A 239 11.96 -11.56 21.38
N LEU A 240 12.17 -11.35 20.08
CA LEU A 240 11.52 -10.23 19.40
C LEU A 240 10.00 -10.38 19.40
N LEU A 241 9.51 -11.58 19.09
CA LEU A 241 8.08 -11.82 19.10
C LEU A 241 7.49 -11.64 20.50
N GLU A 242 8.20 -12.07 21.53
CA GLU A 242 7.70 -11.91 22.90
C GLU A 242 7.75 -10.45 23.33
N TYR A 243 8.75 -9.70 22.87
CA TYR A 243 8.83 -8.28 23.19
C TYR A 243 7.66 -7.52 22.58
N ILE A 244 7.42 -7.72 21.27
CA ILE A 244 6.31 -7.05 20.62
C ILE A 244 4.98 -7.52 21.19
N SER A 245 4.85 -8.83 21.41
CA SER A 245 3.61 -9.35 21.98
C SER A 245 3.36 -8.75 23.35
N GLU A 246 4.43 -8.51 24.10
CA GLU A 246 4.28 -7.85 25.40
C GLU A 246 3.78 -6.42 25.23
N LYS A 247 4.45 -5.63 24.40
CA LYS A 247 4.13 -4.21 24.34
C LYS A 247 2.76 -3.94 23.73
N LEU A 248 2.32 -4.78 22.78
CA LEU A 248 1.04 -4.54 22.10
C LEU A 248 -0.13 -5.28 22.76
N TYR A 249 0.11 -6.49 23.28
CA TYR A 249 -0.97 -7.37 23.69
C TYR A 249 -0.77 -7.93 25.09
N ASN A 250 0.26 -7.51 25.81
CA ASN A 250 0.56 -8.02 27.15
C ASN A 250 0.77 -9.53 27.11
N LYS A 251 1.39 -9.99 26.02
CA LYS A 251 1.72 -11.40 25.76
C LYS A 251 0.51 -12.29 25.55
N GLU A 252 -0.70 -11.72 25.47
CA GLU A 252 -1.89 -12.56 25.39
C GLU A 252 -2.14 -13.11 23.98
N HIS A 253 -1.61 -12.47 22.93
CA HIS A 253 -1.81 -12.93 21.56
C HIS A 253 -0.48 -13.03 20.84
N ALA A 254 -0.43 -13.94 19.85
CA ALA A 254 0.67 -13.94 18.89
C ALA A 254 0.53 -12.75 17.96
N ILE A 255 1.64 -12.08 17.68
CA ILE A 255 1.56 -10.81 16.95
C ILE A 255 1.17 -11.04 15.49
N GLU A 256 0.62 -10.00 14.87
CA GLU A 256 0.31 -10.02 13.45
C GLU A 256 1.55 -9.66 12.65
N TYR A 257 1.58 -10.11 11.40
CA TYR A 257 2.69 -9.74 10.52
C TYR A 257 2.84 -8.22 10.46
N GLU A 258 1.70 -7.50 10.47
CA GLU A 258 1.74 -6.03 10.43
C GLU A 258 2.39 -5.44 11.68
N ASP A 259 2.44 -6.19 12.78
CA ASP A 259 3.09 -5.65 13.96
C ASP A 259 4.60 -5.55 13.79
N ILE A 260 5.14 -6.17 12.75
CA ILE A 260 6.54 -5.99 12.37
C ILE A 260 6.68 -5.33 11.01
N VAL A 261 5.87 -5.76 10.05
CA VAL A 261 6.02 -5.35 8.66
C VAL A 261 5.15 -4.11 8.44
N SER A 262 5.61 -2.97 8.95
CA SER A 262 4.92 -1.70 8.83
C SER A 262 5.87 -0.63 9.34
N GLY A 263 5.46 0.63 9.19
CA GLY A 263 6.25 1.70 9.75
C GLY A 263 6.44 1.58 11.24
N ARG A 264 5.34 1.51 12.00
CA ARG A 264 5.45 1.36 13.44
C ARG A 264 6.13 0.04 13.80
N GLY A 265 5.99 -0.97 12.94
CA GLY A 265 6.65 -2.25 13.20
C GLY A 265 8.16 -2.14 13.08
N LEU A 266 8.65 -1.44 12.06
CA LEU A 266 10.07 -1.19 11.96
C LEU A 266 10.56 -0.38 13.15
N VAL A 267 9.75 0.57 13.62
CA VAL A 267 10.15 1.39 14.76
C VAL A 267 10.23 0.54 16.03
N ILE A 268 9.27 -0.36 16.23
CA ILE A 268 9.28 -1.12 17.48
C ILE A 268 10.35 -2.21 17.44
N THR A 269 10.59 -2.81 16.27
CA THR A 269 11.71 -3.72 16.12
C THR A 269 13.04 -3.00 16.39
N TYR A 270 13.16 -1.77 15.90
CA TYR A 270 14.35 -0.96 16.16
C TYR A 270 14.55 -0.75 17.66
N LYS A 271 13.47 -0.45 18.40
CA LYS A 271 13.61 -0.24 19.84
C LYS A 271 14.00 -1.53 20.56
N TRP A 272 13.58 -2.68 20.03
CA TRP A 272 14.00 -3.96 20.60
C TRP A 272 15.49 -4.20 20.38
N VAL A 273 15.97 -3.97 19.15
CA VAL A 273 17.39 -4.08 18.86
C VAL A 273 18.19 -3.21 19.83
N LEU A 274 17.71 -1.99 20.08
CA LEU A 274 18.42 -1.08 20.97
C LEU A 274 18.37 -1.54 22.42
N ASP A 275 17.26 -2.15 22.86
CA ASP A 275 17.16 -2.59 24.24
C ASP A 275 18.11 -3.75 24.52
N GLU A 276 18.22 -4.69 23.58
CA GLU A 276 19.11 -5.82 23.77
C GLU A 276 20.58 -5.42 23.75
N ALA A 277 20.90 -4.25 23.20
CA ALA A 277 22.25 -3.74 23.16
C ALA A 277 22.49 -2.66 24.21
N ASN A 278 21.48 -2.33 25.01
CA ASN A 278 21.59 -1.30 26.05
C ASN A 278 22.10 0.02 25.49
N VAL A 279 21.57 0.40 24.32
CA VAL A 279 21.91 1.65 23.68
C VAL A 279 20.93 2.70 24.21
N GLN A 280 21.39 3.50 25.18
CA GLN A 280 20.53 4.48 25.84
C GLN A 280 20.46 5.81 25.09
N ASP A 281 21.35 6.05 24.12
CA ASP A 281 21.37 7.25 23.28
C ASP A 281 19.96 7.66 22.86
N GLU A 282 19.47 8.79 23.38
CA GLU A 282 18.12 9.24 23.09
C GLU A 282 17.96 9.78 21.67
N SER A 283 19.07 10.07 20.97
CA SER A 283 18.97 10.59 19.59
C SER A 283 18.73 9.47 18.59
N LEU A 284 19.58 8.43 18.62
CA LEU A 284 19.31 7.24 17.81
C LEU A 284 18.01 6.57 18.21
N ARG A 285 17.55 6.80 19.44
CA ARG A 285 16.35 6.16 19.97
C ARG A 285 15.06 6.74 19.39
N SER A 286 15.12 7.92 18.77
CA SER A 286 13.92 8.69 18.44
C SER A 286 13.60 8.70 16.96
N LEU A 287 14.32 7.93 16.15
CA LEU A 287 14.12 7.96 14.72
C LEU A 287 12.76 7.39 14.34
N ASP A 288 12.18 7.93 13.27
CA ASP A 288 10.94 7.36 12.74
C ASP A 288 11.28 6.34 11.65
N ALA A 289 10.24 5.69 11.12
CA ALA A 289 10.45 4.56 10.23
C ALA A 289 11.36 4.93 9.06
N GLY A 290 11.18 6.13 8.50
CA GLY A 290 11.92 6.50 7.32
C GLY A 290 13.41 6.64 7.57
N LYS A 291 13.78 7.28 8.69
CA LYS A 291 15.20 7.45 9.00
C LYS A 291 15.86 6.11 9.31
N ILE A 292 15.16 5.24 10.04
CA ILE A 292 15.67 3.90 10.30
C ILE A 292 15.94 3.18 8.98
N ALA A 293 14.98 3.26 8.05
CA ALA A 293 15.10 2.57 6.77
C ALA A 293 16.25 3.14 5.93
N LYS A 294 16.39 4.46 5.88
CA LYS A 294 17.53 5.04 5.16
C LYS A 294 18.84 4.66 5.82
N ASN A 295 18.95 4.86 7.14
CA ASN A 295 20.16 4.48 7.87
C ASN A 295 20.56 3.05 7.62
N ALA A 296 19.59 2.17 7.35
CA ALA A 296 19.87 0.74 7.22
C ALA A 296 20.68 0.41 5.96
N THR A 297 20.67 1.28 4.95
CA THR A 297 21.45 1.05 3.73
C THR A 297 22.92 1.28 3.92
N ASN A 298 23.36 1.60 5.14
CA ASN A 298 24.77 1.67 5.50
C ASN A 298 24.98 0.63 6.60
N SER A 299 25.38 -0.57 6.19
CA SER A 299 25.45 -1.69 7.11
C SER A 299 26.49 -1.46 8.23
N GLU A 300 27.65 -0.90 7.88
CA GLU A 300 28.73 -0.79 8.86
C GLU A 300 28.62 0.43 9.77
N ALA A 301 27.89 1.47 9.35
CA ALA A 301 27.82 2.70 10.15
C ALA A 301 26.56 2.80 11.00
N CYS A 302 25.49 2.09 10.65
CA CYS A 302 24.26 2.06 11.45
C CYS A 302 23.81 0.61 11.59
N PRO A 303 24.57 -0.20 12.35
CA PRO A 303 24.30 -1.65 12.36
C PRO A 303 22.97 -2.00 12.99
N TYR A 304 22.49 -1.19 13.93
CA TYR A 304 21.21 -1.48 14.57
C TYR A 304 20.05 -1.23 13.61
N ALA A 305 20.09 -0.12 12.86
CA ALA A 305 19.08 0.11 11.84
C ALA A 305 19.04 -1.05 10.85
N HIS A 306 20.21 -1.51 10.44
CA HIS A 306 20.29 -2.66 9.55
C HIS A 306 19.63 -3.88 10.15
N LYS A 307 19.95 -4.19 11.41
CA LYS A 307 19.41 -5.39 12.06
C LYS A 307 17.88 -5.35 12.09
N ALA A 308 17.32 -4.20 12.46
CA ALA A 308 15.86 -4.07 12.50
C ALA A 308 15.25 -4.18 11.11
N MET A 309 15.85 -3.48 10.14
CA MET A 309 15.34 -3.53 8.77
C MET A 309 15.43 -4.94 8.21
N MET A 310 16.52 -5.65 8.52
CA MET A 310 16.66 -7.06 8.15
C MET A 310 15.47 -7.88 8.63
N LEU A 311 15.12 -7.75 9.91
CA LEU A 311 14.00 -8.52 10.46
C LEU A 311 12.69 -8.04 9.86
N HIS A 312 12.56 -6.73 9.65
CA HIS A 312 11.39 -6.17 8.99
C HIS A 312 11.14 -6.86 7.66
N PHE A 313 12.15 -6.89 6.79
CA PHE A 313 11.97 -7.49 5.48
C PHE A 313 11.96 -9.01 5.56
N LYS A 314 12.62 -9.59 6.56
CA LYS A 314 12.53 -11.03 6.75
C LYS A 314 11.08 -11.47 6.93
N PHE A 315 10.33 -10.75 7.76
CA PHE A 315 8.96 -11.15 8.00
C PHE A 315 8.06 -10.83 6.81
N LEU A 316 8.40 -9.79 6.04
CA LEU A 316 7.71 -9.60 4.77
C LEU A 316 7.92 -10.79 3.84
N MET A 317 9.17 -11.29 3.78
CA MET A 317 9.41 -12.47 2.96
C MET A 317 8.70 -13.71 3.50
N ARG A 318 8.50 -13.79 4.82
CA ARG A 318 7.87 -14.99 5.37
C ARG A 318 6.37 -15.05 5.04
N ILE A 319 5.67 -13.92 5.17
CA ILE A 319 4.25 -13.93 4.82
C ILE A 319 4.10 -14.10 3.31
N ALA A 320 4.99 -13.52 2.52
CA ALA A 320 4.90 -13.66 1.08
C ALA A 320 5.14 -15.11 0.67
N LYS A 321 6.12 -15.77 1.30
CA LYS A 321 6.39 -17.19 1.03
C LYS A 321 5.15 -18.03 1.25
N ASN A 322 4.52 -17.89 2.42
CA ASN A 322 3.38 -18.75 2.75
C ASN A 322 2.15 -18.43 1.91
N LEU A 323 1.95 -17.16 1.53
CA LEU A 323 0.81 -16.85 0.66
C LEU A 323 1.03 -17.37 -0.75
N CYS A 324 2.28 -17.35 -1.23
CA CYS A 324 2.57 -17.95 -2.54
C CYS A 324 2.18 -19.42 -2.56
N ILE A 325 2.48 -20.14 -1.47
CA ILE A 325 2.14 -21.55 -1.38
C ILE A 325 0.63 -21.73 -1.32
N GLY A 326 -0.02 -21.01 -0.40
CA GLY A 326 -1.45 -21.19 -0.22
C GLY A 326 -2.26 -20.75 -1.42
N LEU A 327 -1.91 -19.61 -2.01
CA LEU A 327 -2.66 -19.06 -3.13
C LEU A 327 -2.22 -19.61 -4.48
N GLN A 328 -1.07 -20.29 -4.54
CA GLN A 328 -0.58 -20.87 -5.79
C GLN A 328 -0.46 -19.81 -6.88
N VAL A 329 0.12 -18.66 -6.51
CA VAL A 329 0.34 -17.59 -7.48
C VAL A 329 1.53 -17.93 -8.38
N ARG A 330 1.61 -17.24 -9.51
CA ARG A 330 2.76 -17.31 -10.40
C ARG A 330 3.84 -16.30 -10.06
N GLY A 331 3.47 -15.19 -9.42
CA GLY A 331 4.45 -14.16 -9.13
C GLY A 331 3.89 -13.26 -8.06
N MET A 332 4.72 -12.30 -7.65
CA MET A 332 4.29 -11.32 -6.66
C MET A 332 4.90 -9.97 -6.96
N LEU A 333 4.21 -8.92 -6.54
CA LEU A 333 4.62 -7.54 -6.79
C LEU A 333 4.72 -6.82 -5.46
N LEU A 334 5.89 -6.27 -5.16
CA LEU A 334 6.06 -5.36 -4.03
C LEU A 334 5.75 -3.94 -4.51
N ALA A 335 4.71 -3.34 -3.97
CA ALA A 335 4.17 -2.09 -4.50
C ALA A 335 4.15 -1.02 -3.41
N GLY A 336 3.90 0.20 -3.86
CA GLY A 336 3.83 1.39 -3.03
C GLY A 336 5.00 2.31 -3.31
N ASP A 337 4.80 3.61 -3.08
CA ASP A 337 5.89 4.56 -3.26
C ASP A 337 6.96 4.39 -2.19
N ASN A 338 6.59 3.89 -1.02
CA ASN A 338 7.59 3.62 0.01
C ASN A 338 8.54 2.51 -0.42
N GLN A 339 8.05 1.53 -1.20
CA GLN A 339 8.89 0.43 -1.63
C GLN A 339 10.04 0.91 -2.51
N VAL A 340 9.80 1.97 -3.29
CA VAL A 340 10.85 2.55 -4.14
C VAL A 340 12.08 2.87 -3.32
N ASN A 341 11.91 3.50 -2.15
CA ASN A 341 13.05 3.90 -1.36
C ASN A 341 13.73 2.74 -0.64
N ASN A 342 13.13 1.55 -0.64
CA ASN A 342 13.70 0.40 0.07
C ASN A 342 14.25 -0.66 -0.85
N ASN A 343 14.21 -0.47 -2.17
CA ASN A 343 14.74 -1.50 -3.08
C ASN A 343 16.24 -1.62 -2.97
N LEU A 344 16.95 -0.53 -2.68
CA LEU A 344 18.39 -0.61 -2.52
C LEU A 344 18.74 -1.51 -1.34
N PHE A 345 18.08 -1.30 -0.19
CA PHE A 345 18.30 -2.20 0.94
C PHE A 345 18.04 -3.63 0.55
N LEU A 346 16.98 -3.86 -0.23
CA LEU A 346 16.60 -5.20 -0.64
C LEU A 346 17.71 -5.87 -1.45
N GLU A 347 18.32 -5.13 -2.38
CA GLU A 347 19.41 -5.70 -3.18
C GLU A 347 20.70 -5.87 -2.38
N GLN A 348 20.95 -4.98 -1.40
CA GLN A 348 22.15 -5.17 -0.58
C GLN A 348 22.06 -6.44 0.26
N ASN A 349 20.85 -6.90 0.57
CA ASN A 349 20.63 -8.03 1.46
C ASN A 349 19.87 -9.15 0.76
N LEU A 350 20.17 -9.37 -0.52
CA LEU A 350 19.38 -10.28 -1.33
C LEU A 350 19.46 -11.71 -0.82
N GLU A 351 20.68 -12.21 -0.52
CA GLU A 351 20.83 -13.58 -0.05
C GLU A 351 20.04 -13.80 1.24
N SER A 352 20.09 -12.85 2.16
CA SER A 352 19.34 -13.00 3.41
C SER A 352 17.86 -13.10 3.15
N LEU A 353 17.36 -12.32 2.17
CA LEU A 353 15.93 -12.36 1.88
C LEU A 353 15.55 -13.66 1.18
N ARG A 354 16.37 -14.12 0.25
CA ARG A 354 16.11 -15.39 -0.43
C ARG A 354 16.20 -16.56 0.53
N ALA A 355 17.18 -16.56 1.41
CA ALA A 355 17.26 -17.62 2.41
C ALA A 355 15.96 -17.74 3.18
N GLU A 356 15.33 -16.60 3.48
CA GLU A 356 14.04 -16.62 4.18
C GLU A 356 12.92 -17.11 3.26
N PHE A 357 12.88 -16.60 2.03
CA PHE A 357 11.74 -16.87 1.16
C PHE A 357 11.67 -18.34 0.75
N PHE A 358 12.81 -18.98 0.51
CA PHE A 358 12.82 -20.39 0.15
C PHE A 358 12.97 -21.32 1.36
N ASP A 359 12.83 -20.81 2.59
CA ASP A 359 12.91 -21.61 3.81
C ASP A 359 11.54 -22.26 4.05
N HIS A 360 11.31 -23.40 3.39
CA HIS A 360 10.04 -24.09 3.47
C HIS A 360 10.21 -25.52 3.01
N PRO A 361 9.49 -26.47 3.61
CA PRO A 361 9.55 -27.86 3.12
C PRO A 361 9.16 -27.98 1.66
N LYS A 362 8.22 -27.15 1.20
CA LYS A 362 7.76 -27.15 -0.18
C LYS A 362 8.51 -26.13 -1.02
N LYS A 363 9.81 -25.93 -0.76
CA LYS A 363 10.53 -24.88 -1.47
C LYS A 363 10.54 -25.15 -2.97
N ALA A 364 10.51 -26.42 -3.38
CA ALA A 364 10.44 -26.75 -4.79
C ALA A 364 9.21 -26.12 -5.46
N TRP A 365 8.12 -25.91 -4.71
CA TRP A 365 6.91 -25.36 -5.30
C TRP A 365 7.05 -23.89 -5.65
N ILE A 366 7.90 -23.14 -4.94
CA ILE A 366 8.01 -21.72 -5.16
C ILE A 366 9.32 -21.34 -5.86
N GLU A 367 10.09 -22.32 -6.33
CA GLU A 367 11.36 -22.01 -6.99
C GLU A 367 11.17 -21.13 -8.22
N ASP A 368 10.04 -21.24 -8.91
CA ASP A 368 9.82 -20.54 -10.17
C ASP A 368 8.82 -19.39 -10.05
N ILE A 369 8.71 -18.81 -8.86
CA ILE A 369 7.82 -17.68 -8.62
C ILE A 369 8.54 -16.40 -8.99
N ASP A 370 7.91 -15.57 -9.81
CA ASP A 370 8.48 -14.28 -10.17
C ASP A 370 8.28 -13.27 -9.04
N LEU A 371 9.25 -12.37 -8.89
CA LEU A 371 9.15 -11.29 -7.92
C LEU A 371 9.44 -9.98 -8.64
N PHE A 372 8.50 -9.04 -8.56
CA PHE A 372 8.67 -7.71 -9.12
C PHE A 372 8.61 -6.72 -7.99
N THR A 373 9.26 -5.58 -8.17
CA THR A 373 9.20 -4.54 -7.17
C THR A 373 9.06 -3.20 -7.88
N GLN A 374 8.27 -2.31 -7.29
CA GLN A 374 8.01 -1.02 -7.90
C GLN A 374 9.25 -0.14 -7.79
N THR A 375 9.64 0.50 -8.89
CA THR A 375 10.88 1.25 -8.97
C THR A 375 10.71 2.73 -9.21
N LYS A 376 9.56 3.18 -9.69
CA LYS A 376 9.33 4.61 -9.84
C LYS A 376 8.10 5.01 -9.03
N PRO A 377 8.12 6.17 -8.38
CA PRO A 377 6.94 6.61 -7.62
C PRO A 377 5.77 6.80 -8.58
N VAL A 378 4.66 6.16 -8.26
CA VAL A 378 3.42 6.33 -9.01
C VAL A 378 2.32 5.83 -8.08
N ASN A 379 1.23 6.59 -7.97
CA ASN A 379 0.22 6.20 -7.00
C ASN A 379 -0.73 5.25 -7.70
N LEU A 380 -0.43 3.95 -7.60
CA LEU A 380 -1.23 2.94 -8.25
C LEU A 380 -2.64 2.90 -7.68
N ASN A 381 -2.80 3.23 -6.40
CA ASN A 381 -4.12 3.29 -5.80
C ASN A 381 -5.02 4.29 -6.50
N LEU A 382 -4.46 5.48 -6.81
CA LEU A 382 -5.25 6.51 -7.48
C LEU A 382 -5.64 6.08 -8.88
N HIS A 383 -4.71 5.45 -9.61
CA HIS A 383 -5.04 4.92 -10.93
C HIS A 383 -6.18 3.91 -10.82
N GLY A 384 -6.08 2.99 -9.85
CA GLY A 384 -7.12 2.00 -9.67
C GLY A 384 -8.45 2.61 -9.32
N ALA A 385 -8.46 3.54 -8.35
CA ALA A 385 -9.70 4.20 -7.97
C ALA A 385 -10.31 4.93 -9.16
N LEU A 386 -9.48 5.55 -10.00
CA LEU A 386 -10.01 6.27 -11.15
C LEU A 386 -10.52 5.32 -12.22
N TYR A 387 -9.95 4.11 -12.31
CA TYR A 387 -10.51 3.11 -13.20
C TYR A 387 -11.92 2.70 -12.74
N VAL A 388 -12.10 2.44 -11.45
CA VAL A 388 -13.41 2.07 -10.93
C VAL A 388 -14.41 3.22 -11.04
N ALA A 389 -13.97 4.44 -10.76
CA ALA A 389 -14.91 5.56 -10.75
C ALA A 389 -15.58 5.77 -12.09
N ARG A 390 -14.98 5.28 -13.18
CA ARG A 390 -15.55 5.45 -14.51
C ARG A 390 -16.71 4.49 -14.77
N GLY A 391 -16.88 3.45 -13.96
CA GLY A 391 -18.00 2.54 -14.11
C GLY A 391 -17.68 1.34 -14.97
#